data_6OC8
#
_entry.id   6OC8
#
_cell.length_a   120.560
_cell.length_b   120.720
_cell.length_c   69.941
_cell.angle_alpha   90.000
_cell.angle_beta   90.000
_cell.angle_gamma   90.000
#
_symmetry.space_group_name_H-M   'C 2 2 21'
#
loop_
_entity.id
_entity.type
_entity.pdbx_description
1 polymer VHH8c
2 non-polymer 'SULFATE ION'
3 non-polymer GLYCEROL
4 water water
#
_entity_poly.entity_id   1
_entity_poly.type   'polypeptide(L)'
_entity_poly.pdbx_seq_one_letter_code
;GSHMAEVQLVESGGGLVQAGGSLRLSCAASASIFRALNVGYYRQTPGRQRELIAGISGGGSTHYADPVKGRFTISRDNAK
NRVDLQMNNLKPEDTAVYYCNAGPTLTTGDAGPYWGQGTQVTVSS
;
_entity_poly.pdbx_strand_id   A,B,C,D
#
# COMPACT_ATOMS: atom_id res chain seq x y z
N MET A 4 -7.11 7.90 15.17
CA MET A 4 -7.64 6.80 14.37
C MET A 4 -9.15 6.94 14.20
N ALA A 5 -9.64 6.69 12.99
CA ALA A 5 -11.05 6.88 12.67
C ALA A 5 -11.89 5.76 13.28
N GLU A 6 -12.98 6.15 13.94
CA GLU A 6 -13.93 5.20 14.51
C GLU A 6 -14.94 4.78 13.44
N VAL A 7 -14.68 3.66 12.79
CA VAL A 7 -15.61 3.09 11.82
C VAL A 7 -16.37 1.96 12.50
N GLN A 8 -17.69 2.14 12.65
CA GLN A 8 -18.55 1.16 13.29
C GLN A 8 -19.39 0.48 12.21
N LEU A 9 -19.07 -0.79 11.94
CA LEU A 9 -19.71 -1.54 10.86
C LEU A 9 -21.01 -2.18 11.36
N VAL A 10 -22.08 -2.04 10.57
CA VAL A 10 -23.38 -2.63 10.86
C VAL A 10 -23.72 -3.58 9.72
N GLU A 11 -24.01 -4.83 10.06
CA GLU A 11 -24.29 -5.88 9.07
C GLU A 11 -25.76 -6.25 9.07
N SER A 12 -26.24 -6.73 7.93
CA SER A 12 -27.61 -7.19 7.80
C SER A 12 -27.68 -8.17 6.63
N GLY A 13 -28.81 -8.88 6.54
CA GLY A 13 -29.13 -9.65 5.37
C GLY A 13 -29.00 -11.16 5.47
N GLY A 14 -28.81 -11.70 6.67
CA GLY A 14 -28.71 -13.14 6.83
C GLY A 14 -30.02 -13.84 6.56
N GLY A 15 -29.93 -15.17 6.42
CA GLY A 15 -31.13 -15.98 6.35
C GLY A 15 -30.81 -17.42 6.01
N LEU A 16 -31.85 -18.15 5.59
CA LEU A 16 -31.78 -19.55 5.22
C LEU A 16 -32.50 -19.75 3.89
N VAL A 17 -31.85 -20.44 2.95
CA VAL A 17 -32.42 -20.73 1.64
C VAL A 17 -32.08 -22.17 1.26
N GLN A 18 -32.73 -22.64 0.20
CA GLN A 18 -32.40 -23.92 -0.40
C GLN A 18 -31.24 -23.74 -1.38
N ALA A 19 -30.55 -24.85 -1.65
CA ALA A 19 -29.50 -24.85 -2.66
C ALA A 19 -30.00 -24.21 -3.95
N GLY A 20 -29.24 -23.26 -4.47
CA GLY A 20 -29.64 -22.50 -5.63
C GLY A 20 -30.30 -21.17 -5.33
N GLY A 21 -30.71 -20.94 -4.08
CA GLY A 21 -31.34 -19.70 -3.71
C GLY A 21 -30.35 -18.55 -3.57
N SER A 22 -30.87 -17.40 -3.14
CA SER A 22 -30.09 -16.18 -3.08
C SER A 22 -30.31 -15.45 -1.76
N LEU A 23 -29.24 -14.78 -1.31
CA LEU A 23 -29.29 -13.85 -0.20
C LEU A 23 -28.45 -12.63 -0.58
N ARG A 24 -28.71 -11.51 0.10
CA ARG A 24 -27.91 -10.29 -0.09
C ARG A 24 -27.52 -9.76 1.28
N LEU A 25 -26.23 -9.84 1.58
CA LEU A 25 -25.69 -9.25 2.80
C LEU A 25 -25.37 -7.78 2.56
N SER A 26 -25.54 -6.97 3.60
CA SER A 26 -25.29 -5.54 3.51
C SER A 26 -24.46 -5.08 4.70
N CYS A 27 -23.52 -4.17 4.44
CA CYS A 27 -22.61 -3.66 5.45
C CYS A 27 -22.56 -2.15 5.32
N ALA A 28 -22.79 -1.44 6.43
CA ALA A 28 -22.88 0.01 6.41
C ALA A 28 -22.18 0.57 7.65
N ALA A 29 -21.63 1.78 7.48
CA ALA A 29 -21.03 2.51 8.59
C ALA A 29 -21.28 4.00 8.37
N SER A 30 -21.51 4.72 9.48
CA SER A 30 -21.82 6.14 9.38
C SER A 30 -20.60 7.01 9.15
N ALA A 31 -19.40 6.51 9.47
CA ALA A 31 -18.19 7.28 9.23
C ALA A 31 -18.00 7.49 7.73
N SER A 32 -17.81 8.75 7.33
CA SER A 32 -17.66 9.07 5.91
C SER A 32 -16.49 8.33 5.29
N ILE A 33 -15.43 8.09 6.06
CA ILE A 33 -14.23 7.44 5.53
C ILE A 33 -14.48 6.00 5.10
N PHE A 34 -15.63 5.43 5.48
CA PHE A 34 -15.99 4.09 5.01
C PHE A 34 -16.04 4.04 3.48
N ARG A 35 -16.46 5.14 2.85
CA ARG A 35 -16.55 5.20 1.40
C ARG A 35 -15.19 5.07 0.72
N ALA A 36 -14.14 5.55 1.36
CA ALA A 36 -12.80 5.52 0.79
C ALA A 36 -12.05 4.23 1.08
N LEU A 37 -12.59 3.36 1.95
CA LEU A 37 -11.89 2.17 2.38
C LEU A 37 -12.22 0.97 1.52
N ASN A 38 -11.25 0.08 1.35
CA ASN A 38 -11.55 -1.26 0.88
C ASN A 38 -12.53 -1.91 1.84
N VAL A 39 -13.47 -2.68 1.31
CA VAL A 39 -14.41 -3.43 2.12
C VAL A 39 -14.48 -4.86 1.59
N GLY A 40 -14.48 -5.82 2.51
CA GLY A 40 -14.51 -7.22 2.13
C GLY A 40 -15.41 -8.02 3.06
N TYR A 41 -15.81 -9.19 2.57
CA TYR A 41 -16.58 -10.15 3.35
C TYR A 41 -15.74 -11.41 3.56
N TYR A 42 -15.49 -11.74 4.82
CA TYR A 42 -14.82 -12.98 5.22
C TYR A 42 -15.87 -13.98 5.69
N ARG A 43 -15.58 -15.27 5.48
CA ARG A 43 -16.47 -16.32 5.99
C ARG A 43 -15.67 -17.31 6.81
N GLN A 44 -16.29 -17.77 7.90
CA GLN A 44 -15.66 -18.65 8.89
C GLN A 44 -16.47 -19.93 9.10
N THR A 45 -15.86 -21.08 8.82
CA THR A 45 -16.45 -22.35 9.23
C THR A 45 -16.16 -22.56 10.72
N PRO A 46 -17.04 -23.28 11.45
CA PRO A 46 -16.93 -23.33 12.92
C PRO A 46 -15.52 -23.55 13.47
N GLY A 47 -14.72 -24.43 12.88
CA GLY A 47 -13.40 -24.65 13.39
C GLY A 47 -12.29 -24.39 12.38
N ARG A 48 -12.48 -23.36 11.57
CA ARG A 48 -11.60 -23.03 10.46
C ARG A 48 -11.25 -21.55 10.53
N GLN A 49 -10.21 -21.16 9.81
CA GLN A 49 -9.81 -19.76 9.76
C GLN A 49 -10.70 -18.95 8.82
N ARG A 50 -10.88 -17.67 9.18
CA ARG A 50 -11.58 -16.74 8.32
C ARG A 50 -10.84 -16.56 7.00
N GLU A 51 -11.59 -16.45 5.90
CA GLU A 51 -11.02 -16.28 4.58
C GLU A 51 -11.77 -15.19 3.84
N LEU A 52 -11.02 -14.28 3.21
CA LEU A 52 -11.63 -13.23 2.41
C LEU A 52 -12.16 -13.85 1.12
N ILE A 53 -13.48 -13.71 0.89
CA ILE A 53 -14.11 -14.30 -0.28
C ILE A 53 -14.61 -13.26 -1.26
N ALA A 54 -14.70 -12.00 -0.88
CA ALA A 54 -15.16 -10.95 -1.78
C ALA A 54 -14.73 -9.60 -1.23
N GLY A 55 -14.13 -8.78 -2.08
CA GLY A 55 -13.66 -7.47 -1.67
C GLY A 55 -13.89 -6.46 -2.76
N ILE A 56 -14.02 -5.20 -2.35
CA ILE A 56 -14.29 -4.10 -3.28
C ILE A 56 -13.44 -2.90 -2.89
N SER A 57 -12.83 -2.26 -3.90
CA SER A 57 -12.07 -1.05 -3.71
C SER A 57 -13.00 0.14 -3.44
N GLY A 58 -12.41 1.27 -3.06
CA GLY A 58 -13.19 2.48 -2.88
C GLY A 58 -13.95 2.88 -4.13
N GLY A 59 -13.38 2.64 -5.30
CA GLY A 59 -14.00 2.98 -6.56
C GLY A 59 -14.86 1.91 -7.19
N GLY A 60 -15.00 0.76 -6.57
CA GLY A 60 -15.86 -0.29 -7.07
C GLY A 60 -15.16 -1.43 -7.79
N SER A 61 -13.83 -1.51 -7.74
CA SER A 61 -13.13 -2.63 -8.36
C SER A 61 -13.20 -3.83 -7.44
N THR A 62 -13.49 -4.99 -8.00
CA THR A 62 -13.89 -6.15 -7.23
C THR A 62 -12.94 -7.32 -7.40
N HIS A 63 -12.84 -8.12 -6.35
CA HIS A 63 -12.04 -9.32 -6.35
C HIS A 63 -12.76 -10.35 -5.48
N TYR A 64 -12.74 -11.61 -5.90
CA TYR A 64 -13.50 -12.66 -5.24
C TYR A 64 -12.61 -13.86 -5.01
N ALA A 65 -12.93 -14.62 -3.98
CA ALA A 65 -12.33 -15.94 -3.83
C ALA A 65 -12.82 -16.86 -4.94
N ASP A 66 -11.92 -17.74 -5.39
CA ASP A 66 -12.25 -18.66 -6.47
C ASP A 66 -13.52 -19.46 -6.23
N PRO A 67 -13.84 -19.95 -5.02
CA PRO A 67 -15.06 -20.75 -4.85
C PRO A 67 -16.36 -19.99 -5.12
N VAL A 68 -16.35 -18.66 -5.09
CA VAL A 68 -17.58 -17.88 -5.22
C VAL A 68 -17.62 -17.06 -6.50
N LYS A 69 -16.60 -17.14 -7.34
CA LYS A 69 -16.57 -16.36 -8.57
C LYS A 69 -17.71 -16.78 -9.49
N GLY A 70 -18.31 -15.80 -10.17
CA GLY A 70 -19.43 -16.05 -11.05
C GLY A 70 -20.75 -16.28 -10.35
N ARG A 71 -20.76 -16.40 -9.02
CA ARG A 71 -21.98 -16.54 -8.24
C ARG A 71 -22.19 -15.40 -7.27
N PHE A 72 -21.12 -14.81 -6.73
CA PHE A 72 -21.21 -13.69 -5.80
C PHE A 72 -20.81 -12.41 -6.51
N THR A 73 -21.47 -11.32 -6.13
CA THR A 73 -21.16 -10.00 -6.68
C THR A 73 -21.16 -9.00 -5.53
N ILE A 74 -20.04 -8.33 -5.33
CA ILE A 74 -19.94 -7.30 -4.31
C ILE A 74 -20.03 -5.94 -4.99
N SER A 75 -20.79 -5.05 -4.37
CA SER A 75 -21.08 -3.74 -4.93
C SER A 75 -21.17 -2.76 -3.78
N ARG A 76 -20.99 -1.49 -4.08
CA ARG A 76 -21.14 -0.48 -3.04
C ARG A 76 -21.97 0.68 -3.55
N ASP A 77 -22.69 1.30 -2.63
CA ASP A 77 -23.46 2.51 -2.86
C ASP A 77 -22.92 3.51 -1.86
N ASN A 78 -21.90 4.25 -2.27
CA ASN A 78 -21.27 5.21 -1.37
C ASN A 78 -22.25 6.29 -0.94
N ALA A 79 -23.24 6.60 -1.79
CA ALA A 79 -24.26 7.58 -1.41
C ALA A 79 -25.02 7.11 -0.17
N LYS A 80 -25.13 5.80 0.04
CA LYS A 80 -25.80 5.24 1.20
C LYS A 80 -24.83 4.65 2.21
N ASN A 81 -23.53 4.92 2.04
CA ASN A 81 -22.48 4.40 2.92
C ASN A 81 -22.63 2.90 3.15
N ARG A 82 -22.89 2.16 2.06
CA ARG A 82 -23.25 0.76 2.17
C ARG A 82 -22.51 -0.07 1.12
N VAL A 83 -22.19 -1.30 1.52
CA VAL A 83 -21.60 -2.30 0.64
C VAL A 83 -22.50 -3.53 0.66
N ASP A 84 -22.76 -4.10 -0.50
CA ASP A 84 -23.67 -5.23 -0.64
C ASP A 84 -22.96 -6.43 -1.24
N LEU A 85 -23.26 -7.61 -0.72
CA LEU A 85 -22.79 -8.87 -1.28
C LEU A 85 -24.00 -9.69 -1.73
N GLN A 86 -24.25 -9.70 -3.03
CA GLN A 86 -25.30 -10.54 -3.59
C GLN A 86 -24.74 -11.95 -3.81
N MET A 87 -25.37 -12.93 -3.17
CA MET A 87 -24.93 -14.32 -3.23
C MET A 87 -26.00 -15.13 -3.97
N ASN A 88 -25.71 -15.48 -5.22
CA ASN A 88 -26.64 -16.27 -6.02
C ASN A 88 -26.19 -17.73 -6.09
N ASN A 89 -27.14 -18.58 -6.46
CA ASN A 89 -26.91 -20.02 -6.62
C ASN A 89 -26.17 -20.58 -5.40
N LEU A 90 -26.70 -20.26 -4.22
CA LEU A 90 -26.02 -20.65 -3.00
C LEU A 90 -25.98 -22.18 -2.89
N LYS A 91 -24.87 -22.70 -2.38
CA LYS A 91 -24.67 -24.12 -2.21
C LYS A 91 -24.43 -24.44 -0.75
N PRO A 92 -24.68 -25.69 -0.33
CA PRO A 92 -24.53 -26.04 1.10
C PRO A 92 -23.19 -25.67 1.71
N GLU A 93 -22.09 -25.81 0.97
CA GLU A 93 -20.79 -25.41 1.50
C GLU A 93 -20.69 -23.90 1.71
N ASP A 94 -21.61 -23.11 1.14
CA ASP A 94 -21.61 -21.67 1.41
C ASP A 94 -22.13 -21.35 2.80
N THR A 95 -22.75 -22.31 3.47
CA THR A 95 -23.15 -22.12 4.87
C THR A 95 -21.95 -21.74 5.71
N ALA A 96 -22.03 -20.59 6.38
CA ALA A 96 -20.92 -20.05 7.16
C ALA A 96 -21.39 -18.78 7.86
N VAL A 97 -20.56 -18.30 8.76
CA VAL A 97 -20.73 -16.97 9.35
C VAL A 97 -19.91 -15.99 8.51
N TYR A 98 -20.56 -14.94 8.02
CA TYR A 98 -19.91 -13.96 7.17
C TYR A 98 -19.65 -12.68 7.96
N TYR A 99 -18.43 -12.15 7.82
CA TYR A 99 -17.99 -10.97 8.56
C TYR A 99 -17.65 -9.86 7.59
N CYS A 100 -18.18 -8.67 7.83
CA CYS A 100 -17.78 -7.50 7.08
C CYS A 100 -16.46 -6.98 7.64
N ASN A 101 -15.60 -6.51 6.74
CA ASN A 101 -14.30 -6.00 7.13
C ASN A 101 -13.99 -4.77 6.29
N ALA A 102 -13.61 -3.69 6.95
CA ALA A 102 -13.24 -2.44 6.28
C ALA A 102 -11.75 -2.22 6.39
N GLY A 103 -11.13 -1.82 5.27
CA GLY A 103 -9.72 -1.60 5.21
C GLY A 103 -8.80 -2.76 4.89
N PRO A 104 -9.29 -3.87 4.33
CA PRO A 104 -8.39 -4.98 4.02
C PRO A 104 -7.56 -4.68 2.77
N THR A 105 -6.43 -5.38 2.68
CA THR A 105 -5.64 -5.40 1.45
C THR A 105 -6.19 -6.51 0.57
N LEU A 106 -6.69 -6.14 -0.61
CA LEU A 106 -7.45 -7.09 -1.41
C LEU A 106 -6.56 -8.15 -2.05
N THR A 107 -5.33 -7.79 -2.43
CA THR A 107 -4.42 -8.77 -3.01
C THR A 107 -4.03 -9.83 -2.00
N THR A 108 -3.58 -9.41 -0.82
CA THR A 108 -3.10 -10.33 0.20
C THR A 108 -4.20 -10.88 1.08
N GLY A 109 -5.35 -10.21 1.13
CA GLY A 109 -6.42 -10.59 2.02
C GLY A 109 -6.20 -10.24 3.47
N ASP A 110 -5.17 -9.47 3.80
CA ASP A 110 -4.92 -9.07 5.18
C ASP A 110 -6.05 -8.16 5.64
N ALA A 111 -6.72 -8.57 6.72
CA ALA A 111 -7.90 -7.85 7.20
C ALA A 111 -7.51 -6.49 7.78
N GLY A 112 -8.41 -5.52 7.61
CA GLY A 112 -8.28 -4.22 8.22
C GLY A 112 -8.85 -4.20 9.62
N PRO A 113 -8.65 -3.09 10.34
CA PRO A 113 -8.96 -3.06 11.78
C PRO A 113 -10.45 -3.10 12.12
N TYR A 114 -11.34 -2.91 11.16
CA TYR A 114 -12.77 -2.75 11.43
C TYR A 114 -13.50 -4.04 11.06
N TRP A 115 -14.15 -4.65 12.05
CA TRP A 115 -14.91 -5.88 11.87
C TRP A 115 -16.38 -5.66 12.19
N GLY A 116 -17.24 -6.37 11.47
CA GLY A 116 -18.65 -6.42 11.82
C GLY A 116 -18.96 -7.54 12.80
N GLN A 117 -20.22 -7.57 13.24
CA GLN A 117 -20.61 -8.53 14.27
C GLN A 117 -20.75 -9.94 13.74
N GLY A 118 -20.90 -10.12 12.43
CA GLY A 118 -21.05 -11.44 11.87
C GLY A 118 -22.48 -11.79 11.50
N THR A 119 -22.65 -12.42 10.33
CA THR A 119 -23.97 -12.72 9.80
C THR A 119 -24.03 -14.19 9.37
N GLN A 120 -25.04 -14.90 9.86
CA GLN A 120 -25.18 -16.33 9.57
C GLN A 120 -25.87 -16.55 8.23
N VAL A 121 -25.31 -17.46 7.44
CA VAL A 121 -25.88 -17.88 6.16
C VAL A 121 -25.99 -19.40 6.16
N THR A 122 -27.18 -19.91 5.88
CA THR A 122 -27.41 -21.36 5.85
C THR A 122 -28.05 -21.75 4.53
N VAL A 123 -27.47 -22.74 3.86
CA VAL A 123 -27.99 -23.25 2.60
C VAL A 123 -28.33 -24.72 2.80
N SER A 124 -29.58 -25.08 2.53
CA SER A 124 -30.00 -26.48 2.64
C SER A 124 -29.50 -27.29 1.45
N HIS B 3 -12.75 12.80 8.81
CA HIS B 3 -13.74 12.80 7.74
C HIS B 3 -13.10 12.46 6.40
N MET B 4 -13.93 12.02 5.45
CA MET B 4 -13.46 11.72 4.11
C MET B 4 -13.32 13.00 3.30
N ALA B 5 -12.22 13.11 2.56
CA ALA B 5 -11.95 14.32 1.80
C ALA B 5 -12.87 14.40 0.59
N GLU B 6 -13.51 15.55 0.41
CA GLU B 6 -14.38 15.77 -0.74
C GLU B 6 -13.50 16.19 -1.92
N VAL B 7 -13.08 15.20 -2.71
CA VAL B 7 -12.31 15.46 -3.92
C VAL B 7 -13.29 15.41 -5.08
N GLN B 8 -13.50 16.56 -5.71
CA GLN B 8 -14.44 16.69 -6.81
C GLN B 8 -13.64 16.85 -8.10
N LEU B 9 -13.68 15.81 -8.93
CA LEU B 9 -12.89 15.77 -10.15
C LEU B 9 -13.64 16.45 -11.28
N VAL B 10 -12.93 17.30 -12.03
CA VAL B 10 -13.47 18.00 -13.19
C VAL B 10 -12.68 17.54 -14.41
N GLU B 11 -13.39 17.05 -15.41
CA GLU B 11 -12.78 16.50 -16.61
C GLU B 11 -13.01 17.44 -17.79
N SER B 12 -12.08 17.39 -18.74
CA SER B 12 -12.19 18.18 -19.96
C SER B 12 -11.39 17.47 -21.05
N GLY B 13 -11.61 17.91 -22.29
CA GLY B 13 -10.78 17.50 -23.40
C GLY B 13 -11.38 16.50 -24.36
N GLY B 14 -12.67 16.20 -24.25
CA GLY B 14 -13.28 15.30 -25.20
C GLY B 14 -13.39 15.90 -26.58
N GLY B 15 -13.66 15.04 -27.56
CA GLY B 15 -13.97 15.53 -28.88
C GLY B 15 -14.05 14.40 -29.89
N LEU B 16 -13.96 14.79 -31.16
CA LEU B 16 -14.02 13.88 -32.29
C LEU B 16 -12.86 14.19 -33.23
N VAL B 17 -12.10 13.15 -33.61
CA VAL B 17 -10.98 13.28 -34.52
C VAL B 17 -10.99 12.10 -35.48
N GLN B 18 -10.19 12.21 -36.54
CA GLN B 18 -9.95 11.10 -37.44
C GLN B 18 -8.81 10.25 -36.90
N ALA B 19 -8.79 8.98 -37.32
CA ALA B 19 -7.69 8.09 -36.99
C ALA B 19 -6.35 8.75 -37.26
N GLY B 20 -5.46 8.72 -36.27
CA GLY B 20 -4.18 9.37 -36.33
C GLY B 20 -4.13 10.73 -35.66
N GLY B 21 -5.30 11.32 -35.36
CA GLY B 21 -5.33 12.61 -34.70
C GLY B 21 -5.04 12.49 -33.21
N SER B 22 -5.13 13.63 -32.52
CA SER B 22 -4.75 13.72 -31.12
C SER B 22 -5.80 14.50 -30.33
N LEU B 23 -5.95 14.11 -29.06
CA LEU B 23 -6.72 14.86 -28.07
C LEU B 23 -5.91 14.89 -26.78
N ARG B 24 -6.30 15.77 -25.86
CA ARG B 24 -5.73 15.82 -24.53
C ARG B 24 -6.85 15.90 -23.51
N LEU B 25 -6.96 14.87 -22.67
CA LEU B 25 -7.88 14.89 -21.55
C LEU B 25 -7.21 15.53 -20.36
N SER B 26 -7.99 16.27 -19.58
CA SER B 26 -7.47 16.95 -18.40
C SER B 26 -8.42 16.69 -17.24
N CYS B 27 -7.84 16.46 -16.07
CA CYS B 27 -8.60 16.15 -14.86
C CYS B 27 -8.04 16.99 -13.73
N ALA B 28 -8.90 17.72 -13.03
CA ALA B 28 -8.47 18.63 -12.00
C ALA B 28 -9.42 18.59 -10.81
N ALA B 29 -8.86 18.80 -9.64
CA ALA B 29 -9.64 18.92 -8.42
C ALA B 29 -8.95 19.91 -7.49
N SER B 30 -9.75 20.68 -6.76
CA SER B 30 -9.21 21.73 -5.89
C SER B 30 -8.70 21.19 -4.56
N ALA B 31 -9.10 19.97 -4.18
CA ALA B 31 -8.64 19.40 -2.92
C ALA B 31 -7.13 19.20 -2.93
N SER B 32 -6.48 19.66 -1.87
CA SER B 32 -5.03 19.60 -1.77
C SER B 32 -4.51 18.18 -1.87
N ILE B 33 -5.25 17.21 -1.32
CA ILE B 33 -4.81 15.82 -1.31
C ILE B 33 -4.73 15.22 -2.70
N PHE B 34 -5.32 15.87 -3.70
CA PHE B 34 -5.22 15.40 -5.08
C PHE B 34 -3.77 15.32 -5.55
N ARG B 35 -2.92 16.24 -5.07
CA ARG B 35 -1.52 16.26 -5.46
C ARG B 35 -0.78 15.01 -4.99
N ALA B 36 -1.18 14.45 -3.84
CA ALA B 36 -0.51 13.29 -3.26
C ALA B 36 -1.06 11.97 -3.77
N LEU B 37 -2.17 11.97 -4.50
CA LEU B 37 -2.86 10.76 -4.89
C LEU B 37 -2.37 10.22 -6.23
N ASN B 38 -2.41 8.89 -6.36
CA ASN B 38 -2.37 8.30 -7.69
C ASN B 38 -3.56 8.81 -8.49
N VAL B 39 -3.36 9.01 -9.79
CA VAL B 39 -4.44 9.40 -10.69
C VAL B 39 -4.35 8.53 -11.93
N GLY B 40 -5.51 8.05 -12.39
CA GLY B 40 -5.55 7.19 -13.55
C GLY B 40 -6.73 7.54 -14.43
N TYR B 41 -6.64 7.08 -15.68
CA TYR B 41 -7.72 7.21 -16.64
C TYR B 41 -8.23 5.82 -16.99
N TYR B 42 -9.51 5.57 -16.71
CA TYR B 42 -10.21 4.36 -17.11
C TYR B 42 -11.03 4.65 -18.36
N ARG B 43 -11.17 3.63 -19.20
CA ARG B 43 -12.02 3.74 -20.39
C ARG B 43 -12.98 2.57 -20.45
N GLN B 44 -14.19 2.83 -20.94
CA GLN B 44 -15.23 1.83 -21.07
C GLN B 44 -15.58 1.74 -22.55
N THR B 45 -15.29 0.59 -23.15
CA THR B 45 -15.66 0.31 -24.53
C THR B 45 -17.14 -0.03 -24.63
N PRO B 46 -17.75 0.15 -25.83
CA PRO B 46 -19.22 0.10 -25.96
C PRO B 46 -19.91 -1.00 -25.15
N GLY B 47 -19.35 -2.21 -25.13
CA GLY B 47 -19.96 -3.27 -24.35
C GLY B 47 -19.06 -3.95 -23.35
N ARG B 48 -18.17 -3.20 -22.70
CA ARG B 48 -17.11 -3.78 -21.87
C ARG B 48 -17.07 -3.12 -20.51
N GLN B 49 -16.34 -3.75 -19.59
CA GLN B 49 -16.09 -3.21 -18.26
C GLN B 49 -14.98 -2.16 -18.32
N ARG B 50 -15.04 -1.20 -17.39
CA ARG B 50 -13.98 -0.20 -17.29
C ARG B 50 -12.63 -0.86 -17.01
N GLU B 51 -11.60 -0.35 -17.67
CA GLU B 51 -10.24 -0.85 -17.48
C GLU B 51 -9.28 0.34 -17.42
N LEU B 52 -8.34 0.28 -16.48
CA LEU B 52 -7.33 1.32 -16.33
C LEU B 52 -6.34 1.23 -17.48
N ILE B 53 -6.18 2.33 -18.23
CA ILE B 53 -5.28 2.36 -19.38
C ILE B 53 -4.09 3.28 -19.17
N ALA B 54 -4.11 4.14 -18.15
CA ALA B 54 -3.00 5.05 -17.90
C ALA B 54 -3.09 5.57 -16.48
N GLY B 55 -1.99 5.50 -15.75
CA GLY B 55 -1.95 5.95 -14.37
C GLY B 55 -0.65 6.64 -14.05
N ILE B 56 -0.69 7.54 -13.08
CA ILE B 56 0.47 8.34 -12.69
C ILE B 56 0.54 8.41 -11.16
N SER B 57 1.75 8.25 -10.62
CA SER B 57 1.99 8.40 -9.19
C SER B 57 1.93 9.88 -8.81
N GLY B 58 1.91 10.13 -7.49
CA GLY B 58 1.99 11.50 -7.02
C GLY B 58 3.22 12.24 -7.50
N GLY B 59 4.33 11.53 -7.66
CA GLY B 59 5.58 12.09 -8.12
C GLY B 59 5.80 12.06 -9.61
N GLY B 60 4.85 11.56 -10.38
CA GLY B 60 4.97 11.56 -11.83
C GLY B 60 5.38 10.25 -12.47
N SER B 61 5.42 9.15 -11.74
CA SER B 61 5.74 7.86 -12.33
C SER B 61 4.50 7.30 -13.01
N THR B 62 4.67 6.78 -14.21
CA THR B 62 3.56 6.47 -15.10
C THR B 62 3.51 4.99 -15.44
N HIS B 63 2.29 4.51 -15.71
CA HIS B 63 2.05 3.14 -16.11
C HIS B 63 0.90 3.12 -17.11
N TYR B 64 1.00 2.28 -18.12
CA TYR B 64 0.04 2.25 -19.21
C TYR B 64 -0.40 0.82 -19.51
N ALA B 65 -1.63 0.69 -20.00
CA ALA B 65 -2.06 -0.56 -20.62
C ALA B 65 -1.34 -0.74 -21.95
N ASP B 66 -1.02 -2.00 -22.27
CA ASP B 66 -0.30 -2.29 -23.50
C ASP B 66 -0.92 -1.71 -24.76
N PRO B 67 -2.24 -1.70 -24.96
CA PRO B 67 -2.78 -1.16 -26.23
C PRO B 67 -2.50 0.31 -26.48
N VAL B 68 -2.16 1.09 -25.45
CA VAL B 68 -1.97 2.53 -25.61
C VAL B 68 -0.52 2.95 -25.42
N LYS B 69 0.39 2.01 -25.15
CA LYS B 69 1.78 2.37 -24.95
C LYS B 69 2.37 2.99 -26.21
N GLY B 70 3.22 4.01 -26.02
CA GLY B 70 3.83 4.70 -27.12
C GLY B 70 2.94 5.68 -27.85
N ARG B 71 1.64 5.71 -27.53
CA ARG B 71 0.71 6.66 -28.11
C ARG B 71 0.10 7.61 -27.10
N PHE B 72 -0.10 7.16 -25.86
CA PHE B 72 -0.67 7.98 -24.79
C PHE B 72 0.45 8.40 -23.84
N THR B 73 0.31 9.61 -23.30
CA THR B 73 1.24 10.12 -22.29
C THR B 73 0.46 10.82 -21.20
N ILE B 74 0.58 10.34 -19.96
CA ILE B 74 -0.06 10.95 -18.81
C ILE B 74 0.96 11.77 -18.04
N SER B 75 0.56 12.97 -17.62
CA SER B 75 1.44 13.90 -16.96
C SER B 75 0.62 14.68 -15.92
N ARG B 76 1.30 15.21 -14.92
CA ARG B 76 0.61 16.02 -13.92
C ARG B 76 1.39 17.30 -13.62
N ASP B 77 0.65 18.33 -13.23
CA ASP B 77 1.19 19.61 -12.78
C ASP B 77 0.58 19.87 -11.40
N ASN B 78 1.30 19.46 -10.34
CA ASN B 78 0.77 19.63 -8.99
C ASN B 78 0.52 21.10 -8.66
N ALA B 79 1.29 22.01 -9.26
CA ALA B 79 1.05 23.43 -9.04
C ALA B 79 -0.32 23.86 -9.52
N LYS B 80 -0.88 23.17 -10.51
CA LYS B 80 -2.20 23.48 -11.04
C LYS B 80 -3.24 22.45 -10.63
N ASN B 81 -2.90 21.54 -9.72
CA ASN B 81 -3.80 20.48 -9.26
C ASN B 81 -4.49 19.78 -10.41
N ARG B 82 -3.71 19.43 -11.44
CA ARG B 82 -4.27 18.89 -12.67
C ARG B 82 -3.44 17.73 -13.17
N VAL B 83 -4.11 16.77 -13.81
CA VAL B 83 -3.49 15.65 -14.49
C VAL B 83 -3.95 15.68 -15.94
N ASP B 84 -3.02 15.47 -16.86
CA ASP B 84 -3.31 15.54 -18.29
C ASP B 84 -2.98 14.21 -18.96
N LEU B 85 -3.85 13.77 -19.87
CA LEU B 85 -3.62 12.59 -20.70
C LEU B 85 -3.61 13.02 -22.16
N GLN B 86 -2.42 13.09 -22.74
CA GLN B 86 -2.28 13.34 -24.17
C GLN B 86 -2.46 12.03 -24.92
N MET B 87 -3.42 11.99 -25.83
CA MET B 87 -3.73 10.79 -26.60
C MET B 87 -3.33 11.05 -28.06
N ASN B 88 -2.20 10.49 -28.47
CA ASN B 88 -1.69 10.64 -29.82
C ASN B 88 -1.98 9.37 -30.64
N ASN B 89 -1.87 9.52 -31.96
CA ASN B 89 -2.07 8.43 -32.90
C ASN B 89 -3.35 7.66 -32.57
N LEU B 90 -4.43 8.41 -32.40
CA LEU B 90 -5.69 7.82 -31.98
C LEU B 90 -6.22 6.86 -33.03
N LYS B 91 -6.82 5.76 -32.57
CA LYS B 91 -7.40 4.74 -33.42
C LYS B 91 -8.89 4.61 -33.13
N PRO B 92 -9.67 4.10 -34.09
CA PRO B 92 -11.11 3.90 -33.83
C PRO B 92 -11.38 3.05 -32.60
N GLU B 93 -10.53 2.04 -32.34
CA GLU B 93 -10.70 1.22 -31.15
C GLU B 93 -10.50 2.01 -29.87
N ASP B 94 -9.88 3.19 -29.95
CA ASP B 94 -9.76 4.07 -28.79
C ASP B 94 -11.07 4.76 -28.45
N THR B 95 -12.05 4.74 -29.35
CA THR B 95 -13.37 5.29 -29.05
C THR B 95 -13.95 4.64 -27.81
N ALA B 96 -14.27 5.47 -26.82
CA ALA B 96 -14.78 5.01 -25.53
C ALA B 96 -15.11 6.25 -24.70
N VAL B 97 -15.77 6.01 -23.58
CA VAL B 97 -15.95 7.03 -22.54
C VAL B 97 -14.81 6.88 -21.55
N TYR B 98 -14.07 7.96 -21.32
CA TYR B 98 -12.92 7.94 -20.44
C TYR B 98 -13.29 8.59 -19.12
N TYR B 99 -12.92 7.94 -18.02
CA TYR B 99 -13.24 8.40 -16.69
C TYR B 99 -11.95 8.69 -15.93
N CYS B 100 -11.86 9.87 -15.33
CA CYS B 100 -10.76 10.19 -14.43
C CYS B 100 -10.99 9.54 -13.08
N ASN B 101 -9.92 9.07 -12.47
CA ASN B 101 -10.02 8.40 -11.18
C ASN B 101 -8.83 8.79 -10.31
N ALA B 102 -9.13 9.21 -9.07
CA ALA B 102 -8.11 9.58 -8.10
C ALA B 102 -8.02 8.51 -7.03
N GLY B 103 -6.80 8.14 -6.68
CA GLY B 103 -6.58 7.12 -5.69
C GLY B 103 -6.53 5.67 -6.14
N PRO B 104 -6.33 5.37 -7.43
CA PRO B 104 -6.29 3.96 -7.82
C PRO B 104 -4.98 3.32 -7.37
N THR B 105 -5.01 2.00 -7.26
CA THR B 105 -3.79 1.23 -7.07
C THR B 105 -3.22 0.91 -8.44
N LEU B 106 -2.00 1.39 -8.71
CA LEU B 106 -1.47 1.32 -10.06
C LEU B 106 -1.09 -0.11 -10.44
N THR B 107 -0.67 -0.91 -9.46
CA THR B 107 -0.31 -2.30 -9.73
C THR B 107 -1.53 -3.11 -10.14
N THR B 108 -2.59 -3.06 -9.35
CA THR B 108 -3.78 -3.87 -9.59
C THR B 108 -4.81 -3.20 -10.49
N GLY B 109 -4.75 -1.87 -10.63
CA GLY B 109 -5.79 -1.15 -11.32
C GLY B 109 -7.07 -0.98 -10.54
N ASP B 110 -7.06 -1.30 -9.25
CA ASP B 110 -8.23 -1.13 -8.40
C ASP B 110 -8.53 0.35 -8.27
N ALA B 111 -9.75 0.74 -8.62
CA ALA B 111 -10.13 2.14 -8.67
C ALA B 111 -10.18 2.77 -7.28
N GLY B 112 -9.84 4.06 -7.22
CA GLY B 112 -9.98 4.83 -6.01
C GLY B 112 -11.36 5.44 -5.90
N PRO B 113 -11.67 6.04 -4.76
CA PRO B 113 -13.06 6.43 -4.48
C PRO B 113 -13.56 7.60 -5.31
N TYR B 114 -12.69 8.35 -5.98
CA TYR B 114 -13.07 9.58 -6.64
C TYR B 114 -13.15 9.35 -8.15
N TRP B 115 -14.34 9.58 -8.71
CA TRP B 115 -14.60 9.41 -10.13
C TRP B 115 -15.04 10.74 -10.74
N GLY B 116 -14.66 10.95 -12.00
CA GLY B 116 -15.20 12.06 -12.78
C GLY B 116 -16.47 11.67 -13.51
N GLN B 117 -17.06 12.66 -14.17
CA GLN B 117 -18.35 12.46 -14.82
C GLN B 117 -18.22 11.65 -16.12
N GLY B 118 -17.01 11.55 -16.68
CA GLY B 118 -16.84 10.82 -17.91
C GLY B 118 -16.70 11.72 -19.11
N THR B 119 -15.76 11.39 -20.00
CA THR B 119 -15.44 12.21 -21.16
C THR B 119 -15.48 11.35 -22.40
N GLN B 120 -16.27 11.77 -23.39
CA GLN B 120 -16.44 10.99 -24.61
C GLN B 120 -15.32 11.26 -25.59
N VAL B 121 -14.76 10.19 -26.17
CA VAL B 121 -13.75 10.29 -27.21
C VAL B 121 -14.21 9.42 -28.37
N THR B 122 -14.28 10.02 -29.56
CA THR B 122 -14.71 9.32 -30.76
C THR B 122 -13.68 9.50 -31.86
N VAL B 123 -13.21 8.39 -32.42
CA VAL B 123 -12.23 8.39 -33.50
C VAL B 123 -12.87 7.76 -34.72
N SER B 124 -13.05 8.55 -35.77
CA SER B 124 -13.62 8.04 -37.01
C SER B 124 -12.58 7.20 -37.75
N SER B 125 -13.07 6.23 -38.51
CA SER B 125 -12.17 5.33 -39.23
C SER B 125 -11.81 5.90 -40.59
N MET C 4 3.30 13.80 12.08
CA MET C 4 3.54 12.38 12.32
C MET C 4 3.11 11.97 13.72
N ALA C 5 2.45 10.82 13.83
CA ALA C 5 1.94 10.35 15.11
C ALA C 5 3.07 9.81 15.98
N GLU C 6 3.10 10.25 17.24
CA GLU C 6 4.08 9.77 18.21
C GLU C 6 3.57 8.46 18.81
N VAL C 7 4.01 7.35 18.23
CA VAL C 7 3.68 6.01 18.72
C VAL C 7 4.87 5.50 19.53
N GLN C 8 4.64 5.29 20.83
CA GLN C 8 5.69 4.84 21.75
C GLN C 8 5.43 3.39 22.10
N LEU C 9 6.29 2.50 21.59
CA LEU C 9 6.15 1.06 21.77
C LEU C 9 6.84 0.61 23.06
N VAL C 10 6.16 -0.22 23.84
CA VAL C 10 6.70 -0.78 25.07
C VAL C 10 6.73 -2.30 24.94
N GLU C 11 7.90 -2.90 25.15
CA GLU C 11 8.10 -4.33 24.98
C GLU C 11 8.30 -5.03 26.32
N SER C 12 7.92 -6.30 26.37
CA SER C 12 8.10 -7.13 27.56
C SER C 12 8.13 -8.59 27.13
N GLY C 13 8.55 -9.44 28.07
CA GLY C 13 8.42 -10.88 27.91
C GLY C 13 9.70 -11.66 27.65
N GLY C 14 10.87 -11.05 27.79
CA GLY C 14 12.10 -11.78 27.61
C GLY C 14 12.35 -12.79 28.71
N GLY C 15 13.29 -13.70 28.45
CA GLY C 15 13.74 -14.60 29.49
C GLY C 15 14.66 -15.68 28.94
N LEU C 16 14.80 -16.73 29.74
CA LEU C 16 15.65 -17.88 29.42
C LEU C 16 14.87 -19.16 29.68
N VAL C 17 14.86 -20.06 28.70
CA VAL C 17 14.19 -21.36 28.81
C VAL C 17 15.07 -22.41 28.16
N GLN C 18 14.75 -23.68 28.42
CA GLN C 18 15.36 -24.80 27.73
C GLN C 18 14.63 -25.09 26.43
N ALA C 19 15.33 -25.74 25.50
CA ALA C 19 14.72 -26.20 24.26
C ALA C 19 13.42 -26.93 24.53
N GLY C 20 12.37 -26.54 23.82
CA GLY C 20 11.04 -27.06 24.07
C GLY C 20 10.18 -26.18 24.95
N GLY C 21 10.77 -25.19 25.63
CA GLY C 21 10.02 -24.28 26.46
C GLY C 21 9.30 -23.22 25.65
N SER C 22 8.64 -22.31 26.37
CA SER C 22 7.79 -21.30 25.76
C SER C 22 8.02 -19.94 26.39
N LEU C 23 7.86 -18.90 25.58
CA LEU C 23 7.80 -17.52 26.05
C LEU C 23 6.67 -16.80 25.31
N ARG C 24 6.27 -15.65 25.84
CA ARG C 24 5.32 -14.78 25.17
C ARG C 24 5.86 -13.36 25.21
N LEU C 25 6.13 -12.80 24.04
CA LEU C 25 6.51 -11.40 23.92
C LEU C 25 5.26 -10.55 23.72
N SER C 26 5.27 -9.35 24.29
CA SER C 26 4.14 -8.44 24.20
C SER C 26 4.62 -7.05 23.83
N CYS C 27 3.85 -6.39 22.96
CA CYS C 27 4.19 -5.07 22.46
C CYS C 27 2.94 -4.20 22.56
N ALA C 28 3.07 -3.03 23.18
CA ALA C 28 1.93 -2.17 23.45
C ALA C 28 2.30 -0.72 23.21
N ALA C 29 1.29 0.06 22.79
CA ALA C 29 1.43 1.50 22.65
C ALA C 29 0.10 2.15 23.02
N SER C 30 0.17 3.32 23.65
CA SER C 30 -1.06 3.98 24.09
C SER C 30 -1.74 4.75 22.96
N ALA C 31 -1.02 5.08 21.90
CA ALA C 31 -1.60 5.79 20.77
C ALA C 31 -2.67 4.95 20.09
N SER C 32 -3.84 5.55 19.85
CA SER C 32 -4.96 4.82 19.25
C SER C 32 -4.60 4.23 17.89
N ILE C 33 -3.77 4.93 17.10
CA ILE C 33 -3.47 4.47 15.75
C ILE C 33 -2.71 3.15 15.74
N PHE C 34 -2.19 2.72 16.90
CA PHE C 34 -1.55 1.41 16.98
C PHE C 34 -2.50 0.30 16.58
N ARG C 35 -3.79 0.46 16.87
CA ARG C 35 -4.79 -0.55 16.51
C ARG C 35 -4.89 -0.75 15.00
N ALA C 36 -4.67 0.31 14.23
CA ALA C 36 -4.80 0.26 12.78
C ALA C 36 -3.52 -0.16 12.05
N LEU C 37 -2.39 -0.25 12.76
CA LEU C 37 -1.10 -0.49 12.11
C LEU C 37 -0.79 -1.97 12.02
N ASN C 38 -0.07 -2.34 10.95
CA ASN C 38 0.63 -3.61 10.94
C ASN C 38 1.64 -3.62 12.09
N VAL C 39 1.79 -4.77 12.72
CA VAL C 39 2.77 -4.94 13.79
C VAL C 39 3.54 -6.22 13.52
N GLY C 40 4.86 -6.16 13.69
CA GLY C 40 5.70 -7.31 13.44
C GLY C 40 6.78 -7.44 14.49
N TYR C 41 7.34 -8.63 14.57
CA TYR C 41 8.48 -8.91 15.43
C TYR C 41 9.67 -9.25 14.56
N TYR C 42 10.72 -8.46 14.69
CA TYR C 42 12.02 -8.74 14.06
C TYR C 42 12.94 -9.36 15.09
N ARG C 43 13.81 -10.24 14.63
CA ARG C 43 14.81 -10.84 15.51
C ARG C 43 16.19 -10.71 14.89
N GLN C 44 17.18 -10.46 15.73
CA GLN C 44 18.57 -10.31 15.30
C GLN C 44 19.39 -11.38 16.02
N THR C 45 19.88 -12.35 15.26
CA THR C 45 20.79 -13.36 15.77
C THR C 45 22.19 -12.77 15.89
N PRO C 46 23.07 -13.37 16.73
CA PRO C 46 24.31 -12.69 17.16
C PRO C 46 25.06 -11.87 16.12
N GLY C 47 25.23 -12.37 14.90
CA GLY C 47 25.94 -11.58 13.91
C GLY C 47 25.21 -11.33 12.60
N ARG C 48 23.91 -11.09 12.67
CA ARG C 48 23.06 -11.05 11.48
C ARG C 48 22.23 -9.78 11.47
N GLN C 49 21.61 -9.50 10.32
CA GLN C 49 20.68 -8.40 10.16
C GLN C 49 19.31 -8.77 10.74
N ARG C 50 18.58 -7.75 11.19
CA ARG C 50 17.23 -7.97 11.66
C ARG C 50 16.36 -8.57 10.55
N GLU C 51 15.51 -9.51 10.93
CA GLU C 51 14.65 -10.21 10.00
C GLU C 51 13.25 -10.29 10.58
N LEU C 52 12.23 -9.98 9.77
CA LEU C 52 10.85 -10.12 10.22
C LEU C 52 10.48 -11.58 10.28
N ILE C 53 10.05 -12.05 11.45
CA ILE C 53 9.68 -13.45 11.64
C ILE C 53 8.20 -13.64 11.89
N ALA C 54 7.44 -12.60 12.20
CA ALA C 54 6.02 -12.72 12.46
C ALA C 54 5.37 -11.35 12.36
N GLY C 55 4.28 -11.25 11.62
CA GLY C 55 3.58 -9.99 11.46
C GLY C 55 2.08 -10.18 11.46
N ILE C 56 1.37 -9.12 11.86
CA ILE C 56 -0.08 -9.14 11.96
C ILE C 56 -0.64 -7.85 11.40
N SER C 57 -1.69 -7.97 10.58
CA SER C 57 -2.41 -6.80 10.07
C SER C 57 -3.27 -6.20 11.17
N GLY C 58 -3.83 -5.01 10.89
CA GLY C 58 -4.75 -4.40 11.82
C GLY C 58 -5.93 -5.30 12.18
N GLY C 59 -6.39 -6.10 11.24
CA GLY C 59 -7.51 -6.99 11.46
C GLY C 59 -7.20 -8.36 11.98
N GLY C 60 -5.92 -8.67 12.21
CA GLY C 60 -5.55 -9.94 12.77
C GLY C 60 -5.05 -10.98 11.79
N SER C 61 -4.82 -10.60 10.53
CA SER C 61 -4.26 -11.55 9.57
C SER C 61 -2.76 -11.62 9.78
N THR C 62 -2.24 -12.84 9.79
CA THR C 62 -0.89 -13.09 10.27
C THR C 62 -0.02 -13.68 9.18
N HIS C 63 1.28 -13.42 9.29
CA HIS C 63 2.28 -13.94 8.38
C HIS C 63 3.54 -14.25 9.19
N TYR C 64 4.20 -15.35 8.87
CA TYR C 64 5.34 -15.83 9.63
C TYR C 64 6.46 -16.22 8.67
N ALA C 65 7.69 -16.13 9.17
CA ALA C 65 8.80 -16.73 8.46
C ALA C 65 8.67 -18.25 8.53
N ASP C 66 9.05 -18.91 7.43
CA ASP C 66 8.92 -20.37 7.39
C ASP C 66 9.60 -21.08 8.56
N PRO C 67 10.78 -20.71 9.03
CA PRO C 67 11.41 -21.46 10.14
C PRO C 67 10.62 -21.44 11.44
N VAL C 68 9.69 -20.53 11.62
CA VAL C 68 8.96 -20.39 12.88
C VAL C 68 7.51 -20.79 12.76
N LYS C 69 7.07 -21.23 11.58
CA LYS C 69 5.69 -21.64 11.37
C LYS C 69 5.36 -22.85 12.24
N GLY C 70 4.14 -22.87 12.76
CA GLY C 70 3.67 -23.95 13.61
C GLY C 70 4.18 -23.90 15.04
N ARG C 71 5.13 -23.03 15.35
CA ARG C 71 5.64 -22.85 16.69
C ARG C 71 5.38 -21.47 17.26
N PHE C 72 5.36 -20.43 16.42
CA PHE C 72 5.10 -19.07 16.85
C PHE C 72 3.69 -18.68 16.43
N THR C 73 3.03 -17.88 17.27
CA THR C 73 1.69 -17.39 16.99
C THR C 73 1.63 -15.92 17.41
N ILE C 74 1.32 -15.05 16.47
CA ILE C 74 1.14 -13.64 16.79
C ILE C 74 -0.35 -13.34 16.83
N SER C 75 -0.75 -12.56 17.82
CA SER C 75 -2.15 -12.26 18.07
C SER C 75 -2.23 -10.84 18.60
N ARG C 76 -3.37 -10.19 18.40
CA ARG C 76 -3.57 -8.86 18.95
C ARG C 76 -4.96 -8.73 19.56
N ASP C 77 -5.05 -7.88 20.58
CA ASP C 77 -6.32 -7.47 21.20
C ASP C 77 -6.31 -5.95 21.14
N ASN C 78 -6.94 -5.40 20.09
CA ASN C 78 -6.94 -3.95 19.91
C ASN C 78 -7.57 -3.23 21.09
N ALA C 79 -8.50 -3.88 21.79
CA ALA C 79 -9.09 -3.27 22.97
C ALA C 79 -8.05 -2.94 24.03
N LYS C 80 -6.96 -3.71 24.08
CA LYS C 80 -5.89 -3.48 25.04
C LYS C 80 -4.65 -2.86 24.38
N ASN C 81 -4.77 -2.44 23.12
CA ASN C 81 -3.65 -1.86 22.37
C ASN C 81 -2.38 -2.70 22.50
N ARG C 82 -2.51 -4.01 22.38
CA ARG C 82 -1.38 -4.89 22.63
C ARG C 82 -1.33 -5.99 21.57
N VAL C 83 -0.10 -6.38 21.24
CA VAL C 83 0.17 -7.48 20.32
C VAL C 83 1.04 -8.48 21.05
N ASP C 84 0.72 -9.77 20.89
CA ASP C 84 1.44 -10.84 21.58
C ASP C 84 2.06 -11.79 20.57
N LEU C 85 3.28 -12.23 20.85
CA LEU C 85 3.94 -13.28 20.07
C LEU C 85 4.20 -14.45 21.01
N GLN C 86 3.38 -15.48 20.89
CA GLN C 86 3.56 -16.72 21.64
C GLN C 86 4.58 -17.59 20.91
N MET C 87 5.66 -17.93 21.60
CA MET C 87 6.75 -18.73 21.02
C MET C 87 6.77 -20.07 21.74
N ASN C 88 6.25 -21.10 21.08
CA ASN C 88 6.24 -22.45 21.62
C ASN C 88 7.35 -23.27 20.97
N ASN C 89 7.67 -24.38 21.61
CA ASN C 89 8.68 -25.32 21.12
C ASN C 89 9.96 -24.59 20.71
N LEU C 90 10.44 -23.75 21.62
CA LEU C 90 11.60 -22.92 21.32
C LEU C 90 12.84 -23.77 21.12
N LYS C 91 13.70 -23.33 20.20
CA LYS C 91 14.95 -24.00 19.88
C LYS C 91 16.13 -23.09 20.16
N PRO C 92 17.31 -23.65 20.37
CA PRO C 92 18.51 -22.81 20.60
C PRO C 92 18.73 -21.80 19.48
N GLU C 93 18.44 -22.16 18.23
CA GLU C 93 18.60 -21.24 17.12
C GLU C 93 17.67 -20.04 17.22
N ASP C 94 16.62 -20.13 18.03
CA ASP C 94 15.72 -19.00 18.25
C ASP C 94 16.32 -17.95 19.17
N THR C 95 17.39 -18.26 19.88
CA THR C 95 18.08 -17.29 20.71
C THR C 95 18.49 -16.09 19.88
N ALA C 96 18.01 -14.90 20.28
CA ALA C 96 18.24 -13.65 19.55
C ALA C 96 17.60 -12.52 20.35
N VAL C 97 17.87 -11.30 19.92
CA VAL C 97 17.16 -10.13 20.41
C VAL C 97 15.98 -9.86 19.50
N TYR C 98 14.79 -9.78 20.08
CA TYR C 98 13.57 -9.59 19.32
C TYR C 98 13.09 -8.14 19.46
N TYR C 99 12.71 -7.53 18.35
CA TYR C 99 12.27 -6.13 18.32
C TYR C 99 10.85 -6.07 17.80
N CYS C 100 9.98 -5.36 18.52
CA CYS C 100 8.66 -5.06 17.99
C CYS C 100 8.74 -3.89 17.02
N ASN C 101 7.95 -3.96 15.96
CA ASN C 101 7.95 -2.91 14.95
C ASN C 101 6.52 -2.66 14.49
N ALA C 102 6.12 -1.40 14.47
CA ALA C 102 4.80 -0.99 14.05
C ALA C 102 4.85 -0.31 12.69
N GLY C 103 3.91 -0.66 11.83
CA GLY C 103 3.85 -0.13 10.49
C GLY C 103 4.66 -0.83 9.40
N PRO C 104 5.10 -2.08 9.60
CA PRO C 104 5.87 -2.72 8.52
C PRO C 104 4.96 -3.17 7.40
N THR C 105 5.56 -3.32 6.21
CA THR C 105 4.89 -3.96 5.10
C THR C 105 5.14 -5.46 5.19
N LEU C 106 4.06 -6.24 5.35
CA LEU C 106 4.22 -7.66 5.63
C LEU C 106 4.73 -8.43 4.42
N THR C 107 4.36 -7.98 3.21
CA THR C 107 4.81 -8.66 2.00
C THR C 107 6.31 -8.52 1.83
N THR C 108 6.84 -7.29 1.91
CA THR C 108 8.25 -7.04 1.69
C THR C 108 9.09 -7.16 2.94
N GLY C 109 8.49 -7.07 4.13
CA GLY C 109 9.26 -7.03 5.35
C GLY C 109 9.91 -5.70 5.63
N ASP C 110 9.56 -4.65 4.89
CA ASP C 110 10.12 -3.33 5.14
C ASP C 110 9.62 -2.81 6.47
N ALA C 111 10.55 -2.47 7.36
CA ALA C 111 10.20 -2.05 8.71
C ALA C 111 9.51 -0.69 8.70
N GLY C 112 8.58 -0.51 9.64
CA GLY C 112 7.93 0.77 9.84
C GLY C 112 8.74 1.65 10.78
N PRO C 113 8.32 2.91 10.91
CA PRO C 113 9.17 3.89 11.62
C PRO C 113 9.25 3.68 13.11
N TYR C 114 8.39 2.84 13.70
CA TYR C 114 8.29 2.71 15.14
C TYR C 114 8.98 1.42 15.58
N TRP C 115 9.99 1.55 16.43
CA TRP C 115 10.76 0.42 16.92
C TRP C 115 10.65 0.33 18.44
N GLY C 116 10.69 -0.91 18.95
CA GLY C 116 10.84 -1.13 20.38
C GLY C 116 12.30 -1.22 20.81
N GLN C 117 12.50 -1.30 22.12
CA GLN C 117 13.85 -1.26 22.68
C GLN C 117 14.60 -2.57 22.48
N GLY C 118 13.91 -3.66 22.19
CA GLY C 118 14.57 -4.94 22.02
C GLY C 118 14.43 -5.83 23.24
N THR C 119 14.16 -7.12 23.00
CA THR C 119 13.91 -8.08 24.05
C THR C 119 14.78 -9.30 23.83
N GLN C 120 15.51 -9.70 24.86
CA GLN C 120 16.43 -10.84 24.75
C GLN C 120 15.67 -12.14 24.96
N VAL C 121 15.91 -13.11 24.08
CA VAL C 121 15.35 -14.44 24.22
C VAL C 121 16.49 -15.44 24.11
N THR C 122 16.64 -16.31 25.11
CA THR C 122 17.72 -17.28 25.15
C THR C 122 17.15 -18.66 25.39
N VAL C 123 17.53 -19.62 24.55
CA VAL C 123 17.10 -21.00 24.67
C VAL C 123 18.34 -21.86 24.91
N SER C 124 18.29 -22.69 25.96
CA SER C 124 19.42 -23.55 26.29
C SER C 124 19.33 -24.87 25.54
N SER C 125 20.44 -25.60 25.55
CA SER C 125 20.51 -26.91 24.91
C SER C 125 20.71 -27.99 25.96
N MET D 4 -3.05 17.98 3.20
CA MET D 4 -1.82 17.35 2.71
C MET D 4 -0.60 17.96 3.39
N ALA D 5 0.35 17.10 3.75
CA ALA D 5 1.54 17.54 4.48
C ALA D 5 2.49 18.30 3.57
N GLU D 6 2.93 19.47 4.03
CA GLU D 6 3.92 20.28 3.32
C GLU D 6 5.31 19.78 3.69
N VAL D 7 5.86 18.89 2.87
CA VAL D 7 7.22 18.38 3.06
C VAL D 7 8.13 19.10 2.07
N GLN D 8 9.08 19.88 2.61
CA GLN D 8 10.03 20.63 1.80
C GLN D 8 11.38 19.94 1.90
N LEU D 9 11.81 19.29 0.83
CA LEU D 9 13.05 18.52 0.82
C LEU D 9 14.24 19.41 0.48
N VAL D 10 15.30 19.29 1.27
CA VAL D 10 16.55 20.01 1.06
C VAL D 10 17.67 19.01 0.85
N GLU D 11 18.40 19.15 -0.24
CA GLU D 11 19.45 18.22 -0.62
C GLU D 11 20.82 18.86 -0.41
N SER D 12 21.82 18.02 -0.18
CA SER D 12 23.19 18.49 -0.03
C SER D 12 24.15 17.36 -0.38
N GLY D 13 25.41 17.72 -0.58
CA GLY D 13 26.47 16.75 -0.69
C GLY D 13 27.02 16.51 -2.08
N GLY D 14 26.67 17.33 -3.07
CA GLY D 14 27.20 17.15 -4.39
C GLY D 14 28.68 17.45 -4.47
N GLY D 15 29.30 17.02 -5.56
CA GLY D 15 30.68 17.39 -5.80
C GLY D 15 31.28 16.63 -6.97
N LEU D 16 32.61 16.63 -6.99
CA LEU D 16 33.42 15.99 -8.02
C LEU D 16 34.46 15.12 -7.33
N VAL D 17 34.58 13.87 -7.74
CA VAL D 17 35.57 12.94 -7.21
C VAL D 17 36.14 12.12 -8.37
N GLN D 18 37.25 11.45 -8.08
CA GLN D 18 37.86 10.51 -9.02
C GLN D 18 37.23 9.13 -8.87
N ALA D 19 37.34 8.34 -9.94
CA ALA D 19 36.92 6.95 -9.89
C ALA D 19 37.51 6.26 -8.66
N GLY D 20 36.65 5.58 -7.90
CA GLY D 20 37.04 4.96 -6.66
C GLY D 20 36.79 5.79 -5.42
N GLY D 21 36.52 7.08 -5.57
CA GLY D 21 36.25 7.94 -4.43
C GLY D 21 34.85 7.75 -3.90
N SER D 22 34.51 8.59 -2.92
CA SER D 22 33.24 8.47 -2.22
C SER D 22 32.59 9.83 -2.06
N LEU D 23 31.26 9.84 -2.07
CA LEU D 23 30.45 11.00 -1.72
C LEU D 23 29.31 10.56 -0.82
N ARG D 24 28.74 11.53 -0.11
N ARG D 24 28.72 11.52 -0.13
CA ARG D 24 27.59 11.29 0.76
CA ARG D 24 27.59 11.27 0.76
C ARG D 24 26.54 12.36 0.49
C ARG D 24 26.53 12.35 0.52
N LEU D 25 25.49 12.00 -0.21
CA LEU D 25 24.35 12.89 -0.39
C LEU D 25 23.46 12.83 0.83
N SER D 26 22.87 13.96 1.18
CA SER D 26 21.99 14.05 2.33
C SER D 26 20.72 14.77 1.94
N CYS D 27 19.59 14.28 2.46
CA CYS D 27 18.27 14.81 2.17
C CYS D 27 17.54 14.99 3.48
N ALA D 28 17.00 16.18 3.70
CA ALA D 28 16.38 16.50 4.97
C ALA D 28 15.12 17.32 4.74
N ALA D 29 14.16 17.15 5.65
CA ALA D 29 12.94 17.93 5.67
C ALA D 29 12.55 18.14 7.12
N SER D 30 11.99 19.32 7.42
CA SER D 30 11.66 19.63 8.80
C SER D 30 10.34 19.03 9.25
N ALA D 31 9.45 18.69 8.32
CA ALA D 31 8.17 18.10 8.69
C ALA D 31 8.38 16.73 9.34
N SER D 32 7.78 16.54 10.51
CA SER D 32 7.96 15.28 11.24
C SER D 32 7.51 14.08 10.41
N ILE D 33 6.49 14.25 9.57
CA ILE D 33 5.96 13.14 8.79
C ILE D 33 6.99 12.59 7.80
N PHE D 34 8.07 13.33 7.56
CA PHE D 34 9.17 12.83 6.75
C PHE D 34 9.76 11.56 7.35
N ARG D 35 9.77 11.46 8.69
CA ARG D 35 10.32 10.30 9.38
C ARG D 35 9.56 9.02 9.07
N ALA D 36 8.24 9.13 8.84
CA ALA D 36 7.41 7.96 8.57
C ALA D 36 7.37 7.57 7.11
N LEU D 37 7.93 8.38 6.22
CA LEU D 37 7.81 8.16 4.78
C LEU D 37 8.98 7.32 4.25
N ASN D 38 8.69 6.53 3.23
CA ASN D 38 9.77 6.00 2.40
C ASN D 38 10.53 7.17 1.79
N VAL D 39 11.84 7.02 1.68
CA VAL D 39 12.68 8.02 1.03
C VAL D 39 13.59 7.29 0.06
N GLY D 40 13.74 7.86 -1.14
CA GLY D 40 14.55 7.23 -2.16
C GLY D 40 15.37 8.27 -2.91
N TYR D 41 16.41 7.77 -3.57
CA TYR D 41 17.24 8.59 -4.44
C TYR D 41 17.08 8.10 -5.87
N TYR D 42 16.62 8.99 -6.74
CA TYR D 42 16.56 8.76 -8.18
C TYR D 42 17.77 9.43 -8.82
N ARG D 43 18.26 8.84 -9.90
CA ARG D 43 19.35 9.45 -10.64
C ARG D 43 18.99 9.53 -12.10
N GLN D 44 19.42 10.62 -12.74
CA GLN D 44 19.13 10.90 -14.14
C GLN D 44 20.47 10.97 -14.89
N THR D 45 20.71 10.04 -15.79
CA THR D 45 21.88 10.08 -16.63
C THR D 45 21.67 11.12 -17.73
N PRO D 46 22.77 11.61 -18.37
CA PRO D 46 22.70 12.86 -19.15
C PRO D 46 21.44 13.15 -19.96
N GLY D 47 20.90 12.16 -20.68
CA GLY D 47 19.69 12.38 -21.47
C GLY D 47 18.58 11.38 -21.22
N ARG D 48 18.35 11.00 -19.96
CA ARG D 48 17.53 9.83 -19.65
C ARG D 48 16.46 10.17 -18.61
N GLN D 49 15.54 9.23 -18.45
CA GLN D 49 14.51 9.30 -17.43
C GLN D 49 15.09 8.94 -16.06
N ARG D 50 14.52 9.53 -15.02
CA ARG D 50 14.89 9.21 -13.64
C ARG D 50 14.61 7.74 -13.32
N GLU D 51 15.51 7.13 -12.56
CA GLU D 51 15.35 5.75 -12.12
C GLU D 51 15.72 5.67 -10.65
N LEU D 52 14.88 4.96 -9.87
CA LEU D 52 15.14 4.79 -8.45
C LEU D 52 16.30 3.81 -8.26
N ILE D 53 17.35 4.27 -7.57
CA ILE D 53 18.54 3.45 -7.34
C ILE D 53 18.74 3.08 -5.88
N ALA D 54 18.03 3.72 -4.95
CA ALA D 54 18.20 3.41 -3.53
C ALA D 54 16.99 3.93 -2.77
N GLY D 55 16.41 3.09 -1.92
CA GLY D 55 15.26 3.48 -1.14
C GLY D 55 15.33 2.90 0.25
N ILE D 56 14.70 3.60 1.19
CA ILE D 56 14.71 3.20 2.60
C ILE D 56 13.31 3.40 3.17
N SER D 57 12.82 2.41 3.91
CA SER D 57 11.54 2.54 4.58
C SER D 57 11.66 3.46 5.79
N GLY D 58 10.51 3.81 6.37
CA GLY D 58 10.53 4.60 7.59
C GLY D 58 11.36 3.97 8.70
N GLY D 59 11.38 2.65 8.78
CA GLY D 59 12.12 1.96 9.80
C GLY D 59 13.54 1.61 9.46
N GLY D 60 14.02 1.95 8.27
CA GLY D 60 15.40 1.72 7.90
C GLY D 60 15.67 0.53 7.02
N SER D 61 14.64 -0.12 6.49
CA SER D 61 14.86 -1.23 5.57
C SER D 61 15.18 -0.68 4.19
N THR D 62 16.20 -1.25 3.55
CA THR D 62 16.82 -0.64 2.40
C THR D 62 16.70 -1.55 1.18
N HIS D 63 16.67 -0.92 0.01
CA HIS D 63 16.62 -1.62 -1.27
C HIS D 63 17.41 -0.80 -2.27
N TYR D 64 18.14 -1.48 -3.14
CA TYR D 64 19.03 -0.82 -4.08
C TYR D 64 18.85 -1.41 -5.48
N ALA D 65 19.10 -0.57 -6.48
CA ALA D 65 19.24 -1.05 -7.84
C ALA D 65 20.55 -1.83 -7.98
N ASP D 66 20.52 -2.86 -8.83
CA ASP D 66 21.70 -3.69 -9.04
C ASP D 66 22.97 -2.91 -9.40
N PRO D 67 22.94 -1.86 -10.23
CA PRO D 67 24.21 -1.19 -10.57
C PRO D 67 24.90 -0.54 -9.39
N VAL D 68 24.21 -0.28 -8.27
CA VAL D 68 24.80 0.39 -7.13
C VAL D 68 24.90 -0.50 -5.91
N LYS D 69 24.42 -1.74 -5.99
CA LYS D 69 24.47 -2.64 -4.85
C LYS D 69 25.91 -2.95 -4.47
N GLY D 70 26.17 -3.05 -3.16
CA GLY D 70 27.49 -3.30 -2.64
C GLY D 70 28.41 -2.09 -2.65
N ARG D 71 28.01 -0.99 -3.28
CA ARG D 71 28.76 0.25 -3.27
C ARG D 71 28.00 1.40 -2.63
N PHE D 72 26.67 1.43 -2.78
CA PHE D 72 25.85 2.49 -2.21
C PHE D 72 25.13 1.96 -0.97
N THR D 73 24.98 2.83 0.02
CA THR D 73 24.26 2.49 1.25
C THR D 73 23.39 3.68 1.64
N ILE D 74 22.09 3.46 1.73
CA ILE D 74 21.16 4.48 2.19
C ILE D 74 20.80 4.20 3.64
N SER D 75 20.80 5.26 4.44
CA SER D 75 20.58 5.18 5.87
C SER D 75 19.83 6.44 6.29
N ARG D 76 19.13 6.37 7.40
CA ARG D 76 18.45 7.56 7.89
C ARG D 76 18.67 7.69 9.40
N ASP D 77 18.65 8.94 9.85
CA ASP D 77 18.71 9.29 11.27
C ASP D 77 17.46 10.11 11.52
N ASN D 78 16.38 9.44 11.93
CA ASN D 78 15.11 10.12 12.15
C ASN D 78 15.24 11.20 13.21
N ALA D 79 16.18 11.05 14.14
CA ALA D 79 16.40 12.10 15.13
C ALA D 79 16.80 13.41 14.47
N LYS D 80 17.44 13.35 13.31
CA LYS D 80 17.86 14.55 12.58
C LYS D 80 16.99 14.81 11.35
N ASN D 81 15.89 14.07 11.19
CA ASN D 81 15.01 14.19 10.03
C ASN D 81 15.79 14.19 8.72
N ARG D 82 16.76 13.28 8.61
CA ARG D 82 17.69 13.28 7.50
C ARG D 82 17.90 11.87 6.98
N VAL D 83 18.07 11.76 5.67
CA VAL D 83 18.37 10.51 4.99
C VAL D 83 19.66 10.69 4.21
N ASP D 84 20.54 9.70 4.28
CA ASP D 84 21.86 9.77 3.67
C ASP D 84 22.03 8.66 2.64
N LEU D 85 22.67 9.00 1.53
CA LEU D 85 23.07 8.03 0.51
C LEU D 85 24.59 8.07 0.43
N GLN D 86 25.23 7.08 1.04
CA GLN D 86 26.68 6.94 0.96
C GLN D 86 27.03 6.24 -0.34
N MET D 87 27.81 6.90 -1.19
CA MET D 87 28.21 6.38 -2.49
C MET D 87 29.70 6.10 -2.44
N ASN D 88 30.07 4.83 -2.29
CA ASN D 88 31.47 4.44 -2.25
C ASN D 88 31.86 3.83 -3.59
N ASN D 89 33.18 3.77 -3.82
CA ASN D 89 33.75 3.19 -5.03
C ASN D 89 33.04 3.71 -6.28
N LEU D 90 32.93 5.03 -6.37
CA LEU D 90 32.18 5.65 -7.44
C LEU D 90 32.80 5.36 -8.81
N LYS D 91 31.95 5.20 -9.82
CA LYS D 91 32.36 4.93 -11.18
C LYS D 91 31.89 6.04 -12.11
N PRO D 92 32.54 6.23 -13.26
CA PRO D 92 32.10 7.27 -14.20
C PRO D 92 30.64 7.16 -14.60
N GLU D 93 30.12 5.94 -14.76
CA GLU D 93 28.70 5.78 -15.07
C GLU D 93 27.81 6.25 -13.93
N ASP D 94 28.35 6.42 -12.72
CA ASP D 94 27.58 6.99 -11.63
C ASP D 94 27.38 8.49 -11.78
N THR D 95 28.14 9.14 -12.67
CA THR D 95 27.93 10.55 -12.96
C THR D 95 26.50 10.77 -13.43
N ALA D 96 25.78 11.63 -12.72
CA ALA D 96 24.37 11.87 -12.99
C ALA D 96 23.88 12.97 -12.05
N VAL D 97 22.66 13.43 -12.28
CA VAL D 97 21.95 14.28 -11.32
C VAL D 97 21.11 13.38 -10.44
N TYR D 98 21.30 13.50 -9.12
CA TYR D 98 20.58 12.66 -8.17
C TYR D 98 19.47 13.47 -7.52
N TYR D 99 18.28 12.88 -7.44
CA TYR D 99 17.11 13.56 -6.89
C TYR D 99 16.61 12.80 -5.67
N CYS D 100 16.40 13.52 -4.58
CA CYS D 100 15.75 12.95 -3.41
C CYS D 100 14.23 12.92 -3.61
N ASN D 101 13.60 11.87 -3.11
CA ASN D 101 12.16 11.70 -3.23
C ASN D 101 11.61 11.09 -1.96
N ALA D 102 10.56 11.70 -1.42
CA ALA D 102 9.90 11.21 -0.23
C ALA D 102 8.54 10.65 -0.62
N GLY D 103 8.21 9.48 -0.08
CA GLY D 103 6.97 8.81 -0.41
C GLY D 103 6.93 7.84 -1.58
N PRO D 104 8.06 7.35 -2.09
CA PRO D 104 7.99 6.40 -3.20
C PRO D 104 7.58 5.01 -2.73
N THR D 105 7.06 4.24 -3.68
CA THR D 105 6.85 2.80 -3.48
C THR D 105 8.15 2.08 -3.83
N LEU D 106 8.72 1.39 -2.85
CA LEU D 106 10.07 0.85 -3.04
C LEU D 106 10.08 -0.34 -4.00
N THR D 107 9.03 -1.15 -4.01
CA THR D 107 8.99 -2.29 -4.91
C THR D 107 8.88 -1.84 -6.38
N THR D 108 7.91 -0.97 -6.67
CA THR D 108 7.65 -0.56 -8.05
C THR D 108 8.49 0.62 -8.49
N GLY D 109 9.06 1.37 -7.56
CA GLY D 109 9.78 2.58 -7.90
C GLY D 109 8.92 3.77 -8.24
N ASP D 110 7.61 3.68 -8.00
CA ASP D 110 6.72 4.81 -8.25
C ASP D 110 7.05 5.94 -7.29
N ALA D 111 7.38 7.10 -7.84
CA ALA D 111 7.83 8.24 -7.06
C ALA D 111 6.70 8.83 -6.22
N GLY D 112 7.07 9.36 -5.05
CA GLY D 112 6.15 10.08 -4.21
C GLY D 112 6.10 11.56 -4.58
N PRO D 113 5.15 12.29 -3.99
CA PRO D 113 4.90 13.67 -4.46
C PRO D 113 5.98 14.66 -4.11
N TYR D 114 6.92 14.33 -3.23
CA TYR D 114 7.89 15.29 -2.72
C TYR D 114 9.24 15.08 -3.37
N TRP D 115 9.74 16.10 -4.06
CA TRP D 115 11.00 16.05 -4.77
C TRP D 115 11.97 17.09 -4.23
N GLY D 116 13.27 16.75 -4.27
CA GLY D 116 14.30 17.73 -4.04
C GLY D 116 14.72 18.43 -5.32
N GLN D 117 15.59 19.43 -5.19
CA GLN D 117 15.97 20.25 -6.32
C GLN D 117 16.92 19.55 -7.28
N GLY D 118 17.58 18.48 -6.84
CA GLY D 118 18.52 17.78 -7.69
C GLY D 118 19.97 18.11 -7.37
N THR D 119 20.83 17.11 -7.33
CA THR D 119 22.22 17.28 -6.94
C THR D 119 23.14 16.63 -7.97
N GLN D 120 24.12 17.38 -8.45
CA GLN D 120 25.03 16.89 -9.48
C GLN D 120 26.17 16.09 -8.87
N VAL D 121 26.46 14.94 -9.46
CA VAL D 121 27.57 14.08 -9.07
C VAL D 121 28.38 13.75 -10.31
N THR D 122 29.69 14.01 -10.26
CA THR D 122 30.58 13.81 -11.39
C THR D 122 31.76 12.93 -10.97
N VAL D 123 32.06 11.91 -11.75
CA VAL D 123 33.17 11.02 -11.43
C VAL D 123 34.25 11.10 -12.50
#